data_4ESG
#
_entry.id   4ESG
#
_cell.length_a   38.606
_cell.length_b   80.154
_cell.length_c   83.517
_cell.angle_alpha   90.00
_cell.angle_beta   89.96
_cell.angle_gamma   90.00
#
_symmetry.space_group_name_H-M   'P 1 21 1'
#
loop_
_entity.id
_entity.type
_entity.pdbx_description
1 polymer 'WD repeat-containing protein 5'
2 polymer 'Histone-lysine N-methyltransferase MLL'
3 water water
#
loop_
_entity_poly.entity_id
_entity_poly.type
_entity_poly.pdbx_seq_one_letter_code
_entity_poly.pdbx_strand_id
1 'polypeptide(L)'
;ATQSKPTPVKPNYALKFTLAGHTKAVSSVKFSPNGEWLASSSADKLIKIWGAYDGKFEKTISGHKLGISDVAWSSDSNLL
VSASDDKTLKIWDVSSGKCLKTLKGHSNYVFCCNFNPQSNLIVSGSFDESVRIWDVKTGKCLKTLPAHSDPVSAVHFNRD
GSLIVSSSYDGLCRIWDTASGQCLKTLIDDDNPPVSFVKFSPNGKYILAATLDNTLKLWDYSKGKCLKTYTGHKNEKYCI
FANFSVTGGKWIVSGSEDNLVYIWNLQTKEIVQKLQGHTDVVISTACHPTENIIASAALENDKTIKLWKSDC
;
A,B
2 'polypeptide(L)' EPPLNPHGSARAEVHLR C,D
#
# COMPACT_ATOMS: atom_id res chain seq x y z
N VAL A 9 -3.31 -45.55 -3.23
CA VAL A 9 -3.35 -44.24 -3.87
C VAL A 9 -2.11 -43.39 -3.50
N LYS A 10 -1.48 -42.82 -4.52
CA LYS A 10 -0.46 -41.79 -4.32
C LYS A 10 -0.91 -40.59 -5.16
N PRO A 11 -0.59 -39.37 -4.71
CA PRO A 11 -1.05 -38.22 -5.48
C PRO A 11 -0.15 -38.02 -6.71
N ASN A 12 -0.54 -37.16 -7.64
CA ASN A 12 0.31 -36.87 -8.76
C ASN A 12 0.40 -35.36 -9.00
N TYR A 13 0.75 -34.62 -7.95
CA TYR A 13 0.89 -33.17 -8.08
C TYR A 13 1.87 -32.81 -9.19
N ALA A 14 1.41 -31.92 -10.07
CA ALA A 14 2.23 -31.42 -11.17
C ALA A 14 2.22 -29.89 -11.14
N LEU A 15 3.35 -29.28 -11.47
CA LEU A 15 3.47 -27.81 -11.46
C LEU A 15 2.53 -27.17 -12.48
N LYS A 16 1.69 -26.25 -12.01
CA LYS A 16 0.69 -25.60 -12.86
C LYS A 16 1.09 -24.16 -13.13
N PHE A 17 1.44 -23.42 -12.08
CA PHE A 17 1.80 -22.02 -12.20
C PHE A 17 2.94 -21.67 -11.27
N THR A 18 3.77 -20.74 -11.71
CA THR A 18 4.73 -20.08 -10.83
C THR A 18 4.36 -18.61 -10.75
N LEU A 19 4.16 -18.13 -9.53
CA LEU A 19 3.69 -16.76 -9.30
C LEU A 19 4.87 -15.90 -8.85
N ALA A 20 5.26 -14.95 -9.69
CA ALA A 20 6.39 -14.06 -9.41
C ALA A 20 5.86 -12.66 -9.17
N GLY A 21 6.53 -11.91 -8.29
CA GLY A 21 6.08 -10.56 -7.98
C GLY A 21 6.64 -10.03 -6.69
N HIS A 22 6.74 -10.88 -5.67
CA HIS A 22 7.33 -10.43 -4.42
C HIS A 22 8.81 -10.13 -4.66
N THR A 23 9.35 -9.14 -3.97
CA THR A 23 10.74 -8.74 -4.24
C THR A 23 11.68 -9.19 -3.13
N LYS A 24 11.12 -9.87 -2.14
CA LYS A 24 11.90 -10.52 -1.10
C LYS A 24 11.28 -11.86 -0.81
N ALA A 25 11.85 -12.58 0.15
CA ALA A 25 11.35 -13.88 0.60
C ALA A 25 9.83 -13.88 0.78
N VAL A 26 9.17 -14.93 0.29
CA VAL A 26 7.77 -15.10 0.62
C VAL A 26 7.76 -15.76 1.99
N SER A 27 6.83 -15.39 2.88
CA SER A 27 6.81 -15.98 4.22
C SER A 27 5.63 -16.93 4.48
N SER A 28 4.49 -16.70 3.84
CA SER A 28 3.30 -17.52 4.10
C SER A 28 2.37 -17.44 2.93
N VAL A 29 1.75 -18.57 2.57
CA VAL A 29 0.67 -18.59 1.58
C VAL A 29 -0.53 -19.29 2.22
N LYS A 30 -1.73 -18.79 1.94
CA LYS A 30 -2.98 -19.37 2.45
C LYS A 30 -4.08 -19.25 1.40
N PHE A 31 -4.89 -20.30 1.24
CA PHE A 31 -6.04 -20.21 0.34
C PHE A 31 -7.24 -19.64 1.09
N SER A 32 -8.06 -18.83 0.42
CA SER A 32 -9.26 -18.31 1.06
C SER A 32 -10.23 -19.47 1.27
N PRO A 33 -11.04 -19.41 2.33
CA PRO A 33 -11.95 -20.51 2.59
C PRO A 33 -12.95 -20.74 1.45
N ASN A 34 -13.26 -19.71 0.66
CA ASN A 34 -14.18 -19.93 -0.45
C ASN A 34 -13.49 -20.54 -1.67
N GLY A 35 -12.17 -20.71 -1.57
CA GLY A 35 -11.43 -21.40 -2.60
C GLY A 35 -11.03 -20.55 -3.79
N GLU A 36 -11.40 -19.27 -3.77
CA GLU A 36 -11.20 -18.42 -4.93
C GLU A 36 -9.83 -17.78 -5.02
N TRP A 37 -9.19 -17.58 -3.87
CA TRP A 37 -7.97 -16.78 -3.80
C TRP A 37 -6.84 -17.44 -3.06
N LEU A 38 -5.62 -17.04 -3.41
CA LEU A 38 -4.45 -17.36 -2.61
C LEU A 38 -3.91 -16.03 -2.11
N ALA A 39 -3.61 -15.95 -0.81
CA ALA A 39 -2.93 -14.79 -0.26
C ALA A 39 -1.50 -15.17 0.01
N SER A 40 -0.58 -14.27 -0.31
CA SER A 40 0.81 -14.46 0.08
C SER A 40 1.30 -13.26 0.86
N SER A 41 2.12 -13.51 1.87
CA SER A 41 2.78 -12.45 2.60
C SER A 41 4.28 -12.55 2.37
N SER A 42 4.99 -11.45 2.59
CA SER A 42 6.40 -11.44 2.26
C SER A 42 7.20 -10.54 3.16
N ALA A 43 8.51 -10.82 3.19
CA ALA A 43 9.48 -9.94 3.84
C ALA A 43 9.53 -8.56 3.15
N ASP A 44 8.92 -8.43 1.98
CA ASP A 44 8.90 -7.14 1.28
C ASP A 44 7.80 -6.20 1.80
N LYS A 45 7.15 -6.58 2.91
CA LYS A 45 6.11 -5.81 3.60
C LYS A 45 4.74 -5.90 2.94
N LEU A 46 4.62 -6.71 1.88
CA LEU A 46 3.39 -6.75 1.08
C LEU A 46 2.61 -8.05 1.27
N ILE A 47 1.30 -7.95 1.07
CA ILE A 47 0.44 -9.10 0.89
C ILE A 47 0.00 -9.05 -0.56
N LYS A 48 0.08 -10.19 -1.26
CA LYS A 48 -0.47 -10.23 -2.63
C LYS A 48 -1.59 -11.26 -2.72
N ILE A 49 -2.56 -10.97 -3.56
CA ILE A 49 -3.71 -11.84 -3.75
C ILE A 49 -3.63 -12.35 -5.17
N TRP A 50 -3.86 -13.65 -5.35
CA TRP A 50 -3.78 -14.28 -6.66
C TRP A 50 -4.98 -15.20 -6.83
N GLY A 51 -5.41 -15.41 -8.07
CA GLY A 51 -6.47 -16.38 -8.34
C GLY A 51 -6.00 -17.79 -8.03
N ALA A 52 -6.80 -18.52 -7.26
CA ALA A 52 -6.42 -19.88 -6.84
C ALA A 52 -6.37 -20.87 -7.99
N TYR A 53 -7.23 -20.68 -8.99
CA TYR A 53 -7.34 -21.66 -10.06
C TYR A 53 -6.50 -21.32 -11.29
N ASP A 54 -6.21 -20.04 -11.49
CA ASP A 54 -5.53 -19.60 -12.70
C ASP A 54 -4.18 -18.91 -12.42
N GLY A 55 -3.88 -18.74 -11.13
CA GLY A 55 -2.63 -18.17 -10.69
C GLY A 55 -2.49 -16.70 -11.03
N LYS A 56 -3.60 -16.05 -11.38
CA LYS A 56 -3.48 -14.68 -11.89
C LYS A 56 -3.38 -13.64 -10.79
N PHE A 57 -2.36 -12.80 -10.87
CA PHE A 57 -2.20 -11.75 -9.88
C PHE A 57 -3.46 -10.88 -9.82
N GLU A 58 -3.94 -10.62 -8.61
CA GLU A 58 -5.13 -9.80 -8.42
C GLU A 58 -4.79 -8.41 -7.87
N LYS A 59 -4.16 -8.34 -6.71
CA LYS A 59 -3.83 -7.05 -6.12
C LYS A 59 -2.80 -7.16 -5.03
N THR A 60 -2.22 -6.02 -4.68
CA THR A 60 -1.27 -5.93 -3.59
C THR A 60 -1.93 -5.15 -2.48
N ILE A 61 -1.72 -5.64 -1.25
CA ILE A 61 -2.21 -4.96 -0.06
C ILE A 61 -1.01 -4.55 0.80
N SER A 62 -0.95 -3.27 1.15
CA SER A 62 0.26 -2.73 1.79
C SER A 62 -0.09 -1.83 2.96
N GLY A 63 0.88 -1.63 3.84
CA GLY A 63 0.63 -0.83 5.03
C GLY A 63 1.58 -1.10 6.18
N HIS A 64 2.01 -2.35 6.32
CA HIS A 64 2.99 -2.69 7.37
C HIS A 64 4.30 -1.95 7.16
N LYS A 65 4.98 -1.62 8.26
CA LYS A 65 6.21 -0.86 8.17
C LYS A 65 7.46 -1.73 8.06
N LEU A 66 7.33 -3.01 8.42
CA LEU A 66 8.41 -3.98 8.22
C LEU A 66 7.82 -5.27 7.64
N GLY A 67 8.68 -6.24 7.34
CA GLY A 67 8.24 -7.48 6.69
C GLY A 67 7.18 -8.24 7.47
N ILE A 68 6.46 -9.10 6.76
CA ILE A 68 5.35 -9.85 7.33
C ILE A 68 5.75 -11.32 7.44
N SER A 69 5.40 -11.96 8.55
CA SER A 69 5.78 -13.37 8.75
C SER A 69 4.62 -14.34 8.53
N ASP A 70 3.39 -13.84 8.56
CA ASP A 70 2.21 -14.72 8.46
C ASP A 70 1.01 -13.93 8.00
N VAL A 71 0.05 -14.64 7.39
CA VAL A 71 -1.20 -14.03 6.96
C VAL A 71 -2.28 -15.09 7.10
N ALA A 72 -3.52 -14.68 7.35
CA ALA A 72 -4.63 -15.62 7.55
C ALA A 72 -5.93 -14.99 7.08
N TRP A 73 -6.85 -15.83 6.62
CA TRP A 73 -8.13 -15.37 6.08
C TRP A 73 -9.25 -15.52 7.11
N SER A 74 -10.21 -14.60 7.08
CA SER A 74 -11.45 -14.79 7.83
C SER A 74 -12.30 -15.84 7.12
N SER A 75 -13.27 -16.38 7.83
CA SER A 75 -14.10 -17.46 7.30
C SER A 75 -14.92 -17.09 6.07
N ASP A 76 -15.28 -15.83 5.94
CA ASP A 76 -16.05 -15.40 4.77
C ASP A 76 -15.16 -14.92 3.62
N SER A 77 -13.85 -15.12 3.78
CA SER A 77 -12.86 -14.79 2.73
C SER A 77 -12.75 -13.29 2.44
N ASN A 78 -13.31 -12.45 3.31
CA ASN A 78 -13.29 -11.02 3.03
C ASN A 78 -12.26 -10.23 3.83
N LEU A 79 -11.75 -10.82 4.92
CA LEU A 79 -10.73 -10.17 5.72
C LEU A 79 -9.45 -10.98 5.72
N LEU A 80 -8.33 -10.28 5.85
CA LEU A 80 -7.04 -10.91 6.14
C LEU A 80 -6.51 -10.31 7.42
N VAL A 81 -5.69 -11.10 8.14
CA VAL A 81 -4.88 -10.56 9.22
C VAL A 81 -3.44 -10.91 8.88
N SER A 82 -2.52 -10.02 9.19
CA SER A 82 -1.11 -10.21 8.91
C SER A 82 -0.32 -9.92 10.17
N ALA A 83 0.80 -10.62 10.37
CA ALA A 83 1.64 -10.49 11.54
C ALA A 83 2.98 -9.98 11.07
N SER A 84 3.47 -8.90 11.68
CA SER A 84 4.64 -8.20 11.16
C SER A 84 5.78 -7.97 12.14
N ASP A 85 6.99 -7.78 11.61
CA ASP A 85 8.13 -7.41 12.44
C ASP A 85 7.94 -6.01 13.04
N ASP A 86 6.96 -5.26 12.52
CA ASP A 86 6.71 -3.93 13.09
C ASP A 86 5.95 -3.98 14.44
N LYS A 87 5.78 -5.20 14.95
CA LYS A 87 5.20 -5.51 16.26
C LYS A 87 3.67 -5.43 16.30
N THR A 88 3.06 -5.27 15.14
CA THR A 88 1.61 -5.20 15.07
C THR A 88 1.05 -6.30 14.21
N LEU A 89 -0.25 -6.54 14.37
CA LEU A 89 -1.02 -7.21 13.35
C LEU A 89 -1.92 -6.17 12.70
N LYS A 90 -2.31 -6.43 11.46
CA LYS A 90 -3.28 -5.58 10.80
C LYS A 90 -4.41 -6.42 10.23
N ILE A 91 -5.63 -5.93 10.41
CA ILE A 91 -6.79 -6.57 9.80
C ILE A 91 -7.13 -5.78 8.53
N TRP A 92 -7.30 -6.50 7.42
CA TRP A 92 -7.49 -5.85 6.12
C TRP A 92 -8.81 -6.24 5.52
N ASP A 93 -9.51 -5.28 4.93
CA ASP A 93 -10.63 -5.59 4.04
C ASP A 93 -10.06 -5.83 2.65
N VAL A 94 -10.17 -7.05 2.13
CA VAL A 94 -9.41 -7.42 0.93
C VAL A 94 -9.91 -6.66 -0.31
N SER A 95 -11.23 -6.50 -0.41
CA SER A 95 -11.80 -5.85 -1.57
C SER A 95 -11.43 -4.37 -1.68
N SER A 96 -11.40 -3.66 -0.56
CA SER A 96 -11.07 -2.24 -0.57
C SER A 96 -9.58 -1.98 -0.36
N GLY A 97 -8.87 -2.99 0.17
CA GLY A 97 -7.47 -2.82 0.53
C GLY A 97 -7.29 -2.02 1.81
N LYS A 98 -8.39 -1.71 2.50
CA LYS A 98 -8.27 -0.87 3.69
C LYS A 98 -7.77 -1.62 4.90
N CYS A 99 -6.88 -0.99 5.65
CA CYS A 99 -6.51 -1.48 6.97
C CYS A 99 -7.61 -1.08 7.93
N LEU A 100 -8.38 -2.06 8.39
CA LEU A 100 -9.51 -1.79 9.28
C LEU A 100 -9.06 -1.50 10.70
N LYS A 101 -8.08 -2.27 11.16
CA LYS A 101 -7.58 -2.19 12.54
C LYS A 101 -6.10 -2.54 12.55
N THR A 102 -5.36 -1.85 13.42
CA THR A 102 -3.98 -2.23 13.74
C THR A 102 -3.97 -2.74 15.18
N LEU A 103 -3.52 -3.97 15.37
CA LEU A 103 -3.58 -4.63 16.67
C LEU A 103 -2.25 -4.41 17.37
N LYS A 104 -2.26 -3.57 18.40
CA LYS A 104 -1.03 -3.18 19.07
C LYS A 104 -0.99 -3.75 20.47
N GLY A 105 0.19 -4.21 20.88
CA GLY A 105 0.33 -4.76 22.22
C GLY A 105 1.59 -5.58 22.37
N HIS A 106 1.89 -6.38 21.35
CA HIS A 106 3.11 -7.18 21.38
C HIS A 106 4.35 -6.29 21.51
N SER A 107 5.40 -6.79 22.15
CA SER A 107 6.56 -5.97 22.40
C SER A 107 7.76 -6.40 21.55
N ASN A 108 7.51 -7.34 20.63
CA ASN A 108 8.55 -7.85 19.73
C ASN A 108 7.84 -8.32 18.47
N TYR A 109 8.60 -8.85 17.51
CA TYR A 109 8.01 -9.28 16.23
C TYR A 109 6.78 -10.16 16.41
N VAL A 110 5.71 -9.92 15.65
CA VAL A 110 4.60 -10.86 15.63
C VAL A 110 4.87 -11.86 14.54
N PHE A 111 4.78 -13.15 14.87
CA PHE A 111 5.28 -14.21 14.02
C PHE A 111 4.20 -15.03 13.31
N CYS A 112 3.07 -15.19 13.98
CA CYS A 112 2.01 -16.08 13.52
C CYS A 112 0.66 -15.56 13.91
N CYS A 113 -0.35 -15.92 13.14
CA CYS A 113 -1.69 -15.40 13.39
C CYS A 113 -2.74 -16.28 12.74
N ASN A 114 -3.95 -16.23 13.27
CA ASN A 114 -5.07 -16.99 12.71
C ASN A 114 -6.38 -16.40 13.21
N PHE A 115 -7.43 -16.48 12.40
CA PHE A 115 -8.79 -16.17 12.84
C PHE A 115 -9.41 -17.42 13.44
N ASN A 116 -10.34 -17.25 14.38
CA ASN A 116 -11.15 -18.40 14.80
C ASN A 116 -12.20 -18.70 13.73
N PRO A 117 -12.79 -19.91 13.75
CA PRO A 117 -13.77 -20.22 12.71
C PRO A 117 -14.93 -19.22 12.62
N GLN A 118 -15.37 -18.66 13.75
CA GLN A 118 -16.43 -17.64 13.73
C GLN A 118 -15.89 -16.31 13.20
N SER A 119 -14.57 -16.15 13.31
CA SER A 119 -13.87 -14.96 12.82
C SER A 119 -14.19 -13.67 13.55
N ASN A 120 -14.61 -13.80 14.81
CA ASN A 120 -14.73 -12.65 15.68
C ASN A 120 -13.46 -12.47 16.51
N LEU A 121 -12.57 -13.46 16.48
CA LEU A 121 -11.31 -13.40 17.22
C LEU A 121 -10.11 -13.65 16.32
N ILE A 122 -8.99 -13.09 16.74
CA ILE A 122 -7.69 -13.39 16.12
C ILE A 122 -6.79 -13.85 17.23
N VAL A 123 -5.98 -14.87 16.95
CA VAL A 123 -4.94 -15.28 17.88
C VAL A 123 -3.60 -14.94 17.26
N SER A 124 -2.66 -14.47 18.07
CA SER A 124 -1.33 -14.14 17.56
C SER A 124 -0.27 -14.71 18.47
N GLY A 125 0.89 -14.98 17.90
CA GLY A 125 2.05 -15.40 18.65
C GLY A 125 3.22 -14.51 18.31
N SER A 126 4.08 -14.26 19.29
CA SER A 126 5.15 -13.28 19.11
C SER A 126 6.50 -13.73 19.65
N PHE A 127 7.55 -13.05 19.20
CA PHE A 127 8.87 -13.21 19.78
C PHE A 127 8.92 -12.75 21.23
N ASP A 128 7.88 -12.02 21.66
CA ASP A 128 7.81 -11.62 23.07
C ASP A 128 7.34 -12.77 23.97
N GLU A 129 7.19 -13.96 23.37
CA GLU A 129 6.88 -15.21 24.07
C GLU A 129 5.43 -15.33 24.52
N SER A 130 4.58 -14.40 24.08
CA SER A 130 3.20 -14.42 24.50
C SER A 130 2.30 -14.83 23.35
N VAL A 131 1.10 -15.26 23.69
CA VAL A 131 0.04 -15.50 22.74
C VAL A 131 -1.05 -14.48 23.10
N ARG A 132 -1.55 -13.75 22.12
CA ARG A 132 -2.61 -12.79 22.42
C ARG A 132 -3.87 -13.15 21.67
N ILE A 133 -5.02 -12.89 22.29
CA ILE A 133 -6.32 -13.10 21.66
C ILE A 133 -6.95 -11.73 21.48
N TRP A 134 -7.37 -11.42 20.25
CA TRP A 134 -7.87 -10.08 19.91
C TRP A 134 -9.29 -10.10 19.41
N ASP A 135 -10.03 -9.02 19.68
CA ASP A 135 -11.37 -8.87 19.14
C ASP A 135 -11.28 -8.25 17.75
N VAL A 136 -11.86 -8.91 16.75
CA VAL A 136 -11.76 -8.46 15.35
C VAL A 136 -12.40 -7.08 15.10
N LYS A 137 -13.58 -6.84 15.65
CA LYS A 137 -14.29 -5.58 15.42
C LYS A 137 -13.61 -4.38 16.07
N THR A 138 -13.21 -4.55 17.33
CA THR A 138 -12.66 -3.45 18.13
C THR A 138 -11.16 -3.33 17.98
N GLY A 139 -10.50 -4.44 17.64
CA GLY A 139 -9.05 -4.44 17.54
C GLY A 139 -8.38 -4.40 18.90
N LYS A 140 -9.18 -4.66 19.93
CA LYS A 140 -8.67 -4.68 21.29
C LYS A 140 -8.10 -6.04 21.67
N CYS A 141 -7.03 -6.04 22.45
CA CYS A 141 -6.52 -7.30 22.97
C CYS A 141 -7.41 -7.74 24.12
N LEU A 142 -7.97 -8.94 24.02
CA LEU A 142 -8.85 -9.46 25.05
C LEU A 142 -8.05 -10.22 26.12
N LYS A 143 -7.04 -10.98 25.69
CA LYS A 143 -6.26 -11.79 26.61
C LYS A 143 -4.80 -11.84 26.19
N THR A 144 -3.91 -11.86 27.17
CA THR A 144 -2.49 -12.06 26.91
C THR A 144 -2.09 -13.29 27.72
N LEU A 145 -1.70 -14.36 27.03
CA LEU A 145 -1.34 -15.60 27.71
C LEU A 145 0.17 -15.69 27.86
N PRO A 146 0.66 -15.98 29.07
CA PRO A 146 2.09 -16.19 29.33
C PRO A 146 2.49 -17.56 28.80
N ALA A 147 2.43 -17.70 27.49
CA ALA A 147 2.32 -19.00 26.87
C ALA A 147 3.59 -19.82 26.92
N HIS A 148 4.72 -19.17 26.69
CA HIS A 148 5.97 -19.88 26.46
C HIS A 148 7.15 -19.12 27.04
N SER A 149 8.32 -19.75 27.02
CA SER A 149 9.52 -19.09 27.53
C SER A 149 10.54 -18.83 26.39
N ASP A 150 10.06 -18.83 25.16
CA ASP A 150 10.86 -18.52 23.97
C ASP A 150 9.83 -18.05 22.94
N PRO A 151 10.30 -17.49 21.81
CA PRO A 151 9.40 -17.06 20.72
C PRO A 151 8.34 -18.11 20.36
N VAL A 152 7.12 -17.62 20.14
CA VAL A 152 6.01 -18.46 19.75
C VAL A 152 5.97 -18.65 18.23
N SER A 153 6.10 -19.90 17.79
CA SER A 153 6.27 -20.21 16.37
C SER A 153 4.95 -20.39 15.60
N ALA A 154 3.86 -20.80 16.27
CA ALA A 154 2.60 -21.04 15.57
C ALA A 154 1.47 -20.88 16.58
N VAL A 155 0.29 -20.49 16.09
CA VAL A 155 -0.95 -20.48 16.86
C VAL A 155 -2.09 -20.87 15.94
N HIS A 156 -3.03 -21.68 16.43
CA HIS A 156 -4.11 -22.18 15.57
C HIS A 156 -5.33 -22.50 16.41
N PHE A 157 -6.52 -22.13 15.92
CA PHE A 157 -7.77 -22.49 16.59
C PHE A 157 -8.24 -23.84 16.09
N ASN A 158 -8.91 -24.60 16.95
CA ASN A 158 -9.54 -25.82 16.47
C ASN A 158 -10.86 -25.46 15.80
N ARG A 159 -11.57 -26.46 15.30
CA ARG A 159 -12.65 -26.17 14.34
C ARG A 159 -13.87 -25.51 14.95
N ASP A 160 -14.04 -25.59 16.27
CA ASP A 160 -15.15 -24.85 16.88
C ASP A 160 -14.69 -23.62 17.66
N GLY A 161 -13.40 -23.31 17.56
CA GLY A 161 -12.84 -22.12 18.18
C GLY A 161 -12.66 -22.20 19.68
N SER A 162 -12.93 -23.38 20.25
CA SER A 162 -12.92 -23.52 21.70
C SER A 162 -11.51 -23.72 22.25
N LEU A 163 -10.60 -24.15 21.38
CA LEU A 163 -9.21 -24.37 21.78
C LEU A 163 -8.24 -23.62 20.88
N ILE A 164 -7.12 -23.20 21.46
CA ILE A 164 -5.99 -22.69 20.69
C ILE A 164 -4.80 -23.60 20.95
N VAL A 165 -4.07 -23.98 19.90
CA VAL A 165 -2.79 -24.66 20.11
C VAL A 165 -1.66 -23.71 19.78
N SER A 166 -0.63 -23.69 20.62
CA SER A 166 0.55 -22.87 20.39
C SER A 166 1.82 -23.71 20.47
N SER A 167 2.86 -23.27 19.77
CA SER A 167 4.16 -23.93 19.83
C SER A 167 5.25 -22.90 20.02
N SER A 168 6.41 -23.35 20.48
CA SER A 168 7.50 -22.43 20.73
C SER A 168 8.85 -23.10 20.61
N TYR A 169 9.88 -22.27 20.44
CA TYR A 169 11.25 -22.72 20.54
C TYR A 169 11.58 -23.36 21.89
N ASP A 170 10.72 -23.15 22.89
CA ASP A 170 10.93 -23.75 24.21
C ASP A 170 10.67 -25.26 24.23
N GLY A 171 10.22 -25.79 23.09
CA GLY A 171 10.08 -27.22 22.92
C GLY A 171 8.70 -27.74 23.27
N LEU A 172 7.79 -26.84 23.64
CA LEU A 172 6.46 -27.27 24.09
C LEU A 172 5.38 -26.94 23.08
N CYS A 173 4.35 -27.78 23.05
CA CYS A 173 3.07 -27.43 22.43
C CYS A 173 2.10 -27.25 23.57
N ARG A 174 1.37 -26.15 23.57
CA ARG A 174 0.36 -25.95 24.61
C ARG A 174 -1.00 -25.71 24.04
N ILE A 175 -2.02 -26.16 24.75
CA ILE A 175 -3.38 -26.02 24.27
C ILE A 175 -4.11 -25.14 25.29
N TRP A 176 -4.88 -24.18 24.79
CA TRP A 176 -5.48 -23.16 25.65
C TRP A 176 -6.98 -23.16 25.48
N ASP A 177 -7.68 -22.89 26.57
CA ASP A 177 -9.13 -22.67 26.53
C ASP A 177 -9.36 -21.23 26.07
N THR A 178 -9.97 -21.05 24.90
CA THR A 178 -10.20 -19.71 24.34
C THR A 178 -11.03 -18.86 25.31
N ALA A 179 -12.02 -19.47 25.92
CA ALA A 179 -12.94 -18.77 26.81
C ALA A 179 -12.25 -18.25 28.07
N SER A 180 -11.44 -19.09 28.71
CA SER A 180 -10.84 -18.74 29.99
C SER A 180 -9.41 -18.22 29.90
N GLY A 181 -8.68 -18.60 28.86
CA GLY A 181 -7.26 -18.26 28.76
C GLY A 181 -6.41 -19.26 29.53
N GLN A 182 -7.05 -20.29 30.05
CA GLN A 182 -6.36 -21.29 30.86
C GLN A 182 -5.62 -22.33 30.00
N CYS A 183 -4.40 -22.70 30.41
CA CYS A 183 -3.70 -23.81 29.73
C CYS A 183 -4.35 -25.14 30.10
N LEU A 184 -4.80 -25.87 29.09
CA LEU A 184 -5.50 -27.13 29.29
C LEU A 184 -4.57 -28.31 29.08
N LYS A 185 -3.41 -28.09 28.48
CA LYS A 185 -2.50 -29.19 28.20
C LYS A 185 -1.16 -28.69 27.74
N THR A 186 -0.13 -29.41 28.16
CA THR A 186 1.22 -29.22 27.64
C THR A 186 1.66 -30.55 27.08
N LEU A 187 2.06 -30.54 25.81
CA LEU A 187 2.49 -31.77 25.13
C LEU A 187 4.00 -31.79 24.96
N ILE A 188 4.61 -32.89 25.40
CA ILE A 188 6.05 -33.06 25.22
C ILE A 188 6.34 -34.55 25.15
N ASP A 189 7.22 -34.94 24.21
CA ASP A 189 7.51 -36.35 24.01
C ASP A 189 8.74 -36.72 24.82
N ASP A 190 9.66 -37.46 24.20
CA ASP A 190 10.84 -37.92 24.91
C ASP A 190 12.06 -37.01 24.80
N ASP A 191 11.89 -35.85 24.15
CA ASP A 191 12.93 -34.83 24.09
C ASP A 191 12.22 -33.50 23.86
N ASN A 192 12.94 -32.39 23.94
CA ASN A 192 12.28 -31.10 23.65
C ASN A 192 12.99 -30.19 22.65
N PRO A 193 13.20 -30.69 21.43
CA PRO A 193 13.69 -29.78 20.38
C PRO A 193 12.67 -28.69 20.14
N PRO A 194 13.12 -27.54 19.62
CA PRO A 194 12.22 -26.42 19.31
C PRO A 194 11.06 -26.91 18.45
N VAL A 195 9.85 -26.49 18.81
CA VAL A 195 8.68 -26.82 18.02
C VAL A 195 8.45 -25.64 17.12
N SER A 196 8.51 -25.86 15.81
CA SER A 196 8.56 -24.78 14.85
C SER A 196 7.21 -24.54 14.16
N PHE A 197 6.29 -25.47 14.35
CA PHE A 197 4.95 -25.34 13.81
C PHE A 197 3.98 -26.28 14.49
N VAL A 198 2.74 -25.82 14.69
CA VAL A 198 1.64 -26.68 15.12
C VAL A 198 0.36 -26.28 14.46
N LYS A 199 -0.54 -27.25 14.29
CA LYS A 199 -1.90 -26.97 13.86
C LYS A 199 -2.81 -28.16 14.16
N PHE A 200 -4.09 -27.88 14.39
CA PHE A 200 -5.08 -28.93 14.57
C PHE A 200 -5.43 -29.57 13.25
N SER A 201 -5.79 -30.85 13.30
CA SER A 201 -6.35 -31.57 12.18
C SER A 201 -7.73 -31.00 11.93
N PRO A 202 -8.24 -31.15 10.69
CA PRO A 202 -9.53 -30.58 10.32
C PRO A 202 -10.65 -30.98 11.28
N ASN A 203 -10.63 -32.23 11.76
CA ASN A 203 -11.66 -32.70 12.69
C ASN A 203 -11.40 -32.35 14.14
N GLY A 204 -10.25 -31.73 14.40
CA GLY A 204 -9.93 -31.23 15.72
C GLY A 204 -9.36 -32.26 16.67
N LYS A 205 -9.20 -33.50 16.20
CA LYS A 205 -8.78 -34.59 17.08
C LYS A 205 -7.27 -34.68 17.27
N TYR A 206 -6.53 -34.20 16.28
CA TYR A 206 -5.09 -34.34 16.29
C TYR A 206 -4.42 -33.00 16.18
N ILE A 207 -3.17 -32.96 16.61
CA ILE A 207 -2.32 -31.80 16.35
C ILE A 207 -1.13 -32.30 15.56
N LEU A 208 -0.78 -31.58 14.50
CA LEU A 208 0.43 -31.85 13.73
C LEU A 208 1.52 -30.90 14.21
N ALA A 209 2.66 -31.41 14.63
CA ALA A 209 3.71 -30.55 15.18
C ALA A 209 5.02 -30.80 14.46
N ALA A 210 5.69 -29.72 14.06
CA ALA A 210 7.02 -29.79 13.43
C ALA A 210 8.06 -29.46 14.48
N THR A 211 9.15 -30.23 14.52
CA THR A 211 10.26 -29.88 15.39
C THR A 211 11.53 -29.69 14.57
N LEU A 212 12.46 -28.90 15.09
CA LEU A 212 13.67 -28.57 14.36
C LEU A 212 14.72 -29.67 14.46
N ASP A 213 14.25 -30.92 14.42
CA ASP A 213 15.12 -32.08 14.35
C ASP A 213 14.66 -32.92 13.16
N ASN A 214 14.18 -32.24 12.11
CA ASN A 214 13.79 -32.91 10.88
C ASN A 214 12.64 -33.88 11.07
N THR A 215 11.69 -33.52 11.91
CA THR A 215 10.61 -34.44 12.26
C THR A 215 9.27 -33.72 12.35
N LEU A 216 8.24 -34.38 11.81
CA LEU A 216 6.86 -33.96 12.00
C LEU A 216 6.17 -35.04 12.84
N LYS A 217 5.31 -34.63 13.77
CA LYS A 217 4.60 -35.60 14.59
C LYS A 217 3.11 -35.34 14.63
N LEU A 218 2.34 -36.42 14.58
CA LEU A 218 0.89 -36.34 14.73
C LEU A 218 0.54 -36.76 16.15
N TRP A 219 -0.03 -35.84 16.92
CA TRP A 219 -0.39 -36.10 18.30
C TRP A 219 -1.88 -36.30 18.44
N ASP A 220 -2.29 -37.30 19.21
CA ASP A 220 -3.68 -37.35 19.64
C ASP A 220 -3.83 -36.39 20.81
N TYR A 221 -4.62 -35.34 20.63
CA TYR A 221 -4.76 -34.30 21.63
C TYR A 221 -5.25 -34.85 22.98
N SER A 222 -6.35 -35.59 22.95
CA SER A 222 -6.97 -36.11 24.17
C SER A 222 -6.04 -37.03 24.94
N LYS A 223 -5.46 -37.99 24.23
CA LYS A 223 -4.59 -38.99 24.83
C LYS A 223 -3.28 -38.35 25.24
N GLY A 224 -2.94 -37.24 24.58
CA GLY A 224 -1.67 -36.59 24.84
C GLY A 224 -0.51 -37.47 24.41
N LYS A 225 -0.70 -38.21 23.33
CA LYS A 225 0.32 -39.14 22.85
C LYS A 225 0.63 -38.94 21.38
N CYS A 226 1.90 -39.11 21.02
CA CYS A 226 2.32 -39.08 19.62
C CYS A 226 1.89 -40.36 18.90
N LEU A 227 1.13 -40.22 17.81
CA LEU A 227 0.60 -41.37 17.09
C LEU A 227 1.43 -41.70 15.86
N LYS A 228 1.87 -40.66 15.15
CA LYS A 228 2.60 -40.82 13.89
C LYS A 228 3.84 -39.95 13.86
N THR A 229 4.86 -40.42 13.17
CA THR A 229 6.08 -39.64 12.99
C THR A 229 6.44 -39.61 11.49
N TYR A 230 6.73 -38.41 10.96
CA TYR A 230 7.08 -38.26 9.54
C TYR A 230 8.49 -37.71 9.39
N THR A 231 9.30 -38.36 8.55
CA THR A 231 10.69 -37.96 8.39
C THR A 231 11.08 -38.03 6.93
N GLY A 232 12.30 -37.59 6.64
CA GLY A 232 12.81 -37.66 5.28
C GLY A 232 13.14 -36.29 4.73
N HIS A 233 12.48 -35.28 5.28
CA HIS A 233 12.72 -33.89 4.87
C HIS A 233 13.81 -33.24 5.72
N LYS A 234 14.14 -31.99 5.41
CA LYS A 234 15.15 -31.27 6.17
C LYS A 234 14.50 -30.08 6.86
N ASN A 235 14.61 -30.02 8.18
CA ASN A 235 14.03 -28.88 8.91
C ASN A 235 14.74 -28.73 10.23
N GLU A 236 15.76 -27.90 10.26
CA GLU A 236 16.53 -27.62 11.48
C GLU A 236 16.62 -26.13 11.78
N LYS A 237 16.16 -25.29 10.86
CA LYS A 237 16.45 -23.85 10.96
C LYS A 237 15.24 -22.93 10.93
N TYR A 238 14.24 -23.29 10.12
CA TYR A 238 13.15 -22.37 9.82
C TYR A 238 11.83 -22.90 10.33
N CYS A 239 10.88 -21.99 10.56
CA CYS A 239 9.54 -22.41 10.95
C CYS A 239 8.68 -22.58 9.70
N ILE A 240 8.64 -23.83 9.24
CA ILE A 240 8.00 -24.21 7.99
C ILE A 240 6.59 -24.67 8.26
N PHE A 241 5.64 -24.21 7.46
CA PHE A 241 4.25 -24.58 7.64
C PHE A 241 4.06 -26.02 7.20
N ALA A 242 3.13 -26.71 7.81
CA ALA A 242 2.77 -28.07 7.39
C ALA A 242 1.25 -28.11 7.31
N ASN A 243 0.72 -29.10 6.60
CA ASN A 243 -0.72 -29.16 6.38
C ASN A 243 -1.27 -30.57 6.37
N PHE A 244 -2.56 -30.69 6.66
CA PHE A 244 -3.33 -31.87 6.31
C PHE A 244 -3.97 -31.63 4.97
N SER A 245 -3.72 -32.54 4.02
CA SER A 245 -4.41 -32.47 2.73
C SER A 245 -5.55 -33.49 2.78
N VAL A 246 -6.78 -33.04 2.53
CA VAL A 246 -7.92 -33.93 2.76
C VAL A 246 -8.89 -34.00 1.57
N THR A 247 -8.63 -33.22 0.53
CA THR A 247 -9.53 -33.15 -0.61
C THR A 247 -9.52 -34.43 -1.45
N GLY A 248 -8.37 -35.09 -1.47
CA GLY A 248 -8.22 -36.37 -2.16
C GLY A 248 -7.73 -37.43 -1.18
N GLY A 249 -6.56 -38.00 -1.46
CA GLY A 249 -5.95 -38.90 -0.50
C GLY A 249 -5.57 -38.14 0.76
N LYS A 250 -5.56 -38.82 1.91
CA LYS A 250 -5.23 -38.15 3.16
C LYS A 250 -3.70 -38.03 3.32
N TRP A 251 -3.17 -36.83 3.10
CA TRP A 251 -1.72 -36.64 3.16
C TRP A 251 -1.31 -35.68 4.27
N ILE A 252 -0.02 -35.73 4.61
CA ILE A 252 0.64 -34.64 5.33
C ILE A 252 1.51 -33.91 4.30
N VAL A 253 1.48 -32.57 4.29
CA VAL A 253 2.26 -31.80 3.31
C VAL A 253 3.14 -30.82 4.06
N SER A 254 4.40 -30.70 3.64
CA SER A 254 5.29 -29.74 4.29
C SER A 254 6.34 -29.25 3.33
N GLY A 255 6.86 -28.06 3.60
CA GLY A 255 8.05 -27.62 2.91
C GLY A 255 9.27 -28.22 3.56
N SER A 256 10.44 -27.84 3.08
CA SER A 256 11.70 -28.46 3.52
C SER A 256 12.86 -27.55 3.19
N GLU A 257 13.97 -27.70 3.92
CA GLU A 257 15.14 -26.86 3.71
C GLU A 257 16.05 -27.38 2.61
N ASP A 258 15.65 -28.46 1.96
CA ASP A 258 16.33 -28.91 0.76
C ASP A 258 15.57 -28.46 -0.50
N ASN A 259 14.70 -27.47 -0.34
CA ASN A 259 13.96 -26.82 -1.43
C ASN A 259 12.85 -27.63 -2.07
N LEU A 260 12.44 -28.72 -1.44
CA LEU A 260 11.36 -29.55 -1.96
C LEU A 260 10.10 -29.42 -1.11
N VAL A 261 8.95 -29.73 -1.72
CA VAL A 261 7.73 -29.96 -0.95
C VAL A 261 7.62 -31.46 -0.71
N TYR A 262 7.43 -31.86 0.54
CA TYR A 262 7.24 -33.27 0.85
C TYR A 262 5.79 -33.61 1.08
N ILE A 263 5.36 -34.75 0.55
CA ILE A 263 4.01 -35.24 0.81
C ILE A 263 4.10 -36.66 1.37
N TRP A 264 3.48 -36.90 2.53
CA TRP A 264 3.48 -38.23 3.15
C TRP A 264 2.09 -38.81 3.19
N ASN A 265 2.00 -40.13 3.14
CA ASN A 265 0.76 -40.81 3.51
C ASN A 265 0.57 -40.66 5.02
N LEU A 266 -0.57 -40.10 5.43
CA LEU A 266 -0.81 -39.79 6.85
C LEU A 266 -0.73 -41.05 7.71
N GLN A 267 -1.37 -42.14 7.25
CA GLN A 267 -1.43 -43.35 8.07
C GLN A 267 -0.15 -44.19 8.01
N THR A 268 0.39 -44.38 6.81
CA THR A 268 1.56 -45.24 6.64
C THR A 268 2.89 -44.54 6.93
N LYS A 269 2.87 -43.21 6.92
CA LYS A 269 4.07 -42.36 7.13
C LYS A 269 5.07 -42.40 5.97
N GLU A 270 4.72 -43.06 4.88
CA GLU A 270 5.62 -43.14 3.74
C GLU A 270 5.62 -41.84 2.93
N ILE A 271 6.78 -41.43 2.45
CA ILE A 271 6.83 -40.33 1.47
C ILE A 271 6.18 -40.77 0.18
N VAL A 272 5.17 -40.03 -0.28
CA VAL A 272 4.46 -40.43 -1.48
C VAL A 272 4.79 -39.55 -2.68
N GLN A 273 5.32 -38.36 -2.41
CA GLN A 273 5.74 -37.47 -3.52
C GLN A 273 6.66 -36.37 -2.99
N LYS A 274 7.59 -35.94 -3.84
CA LYS A 274 8.45 -34.81 -3.55
C LYS A 274 8.38 -33.87 -4.74
N LEU A 275 7.98 -32.63 -4.49
CA LEU A 275 7.76 -31.67 -5.57
C LEU A 275 9.00 -30.79 -5.72
N GLN A 276 9.56 -30.78 -6.93
CA GLN A 276 10.82 -30.12 -7.19
C GLN A 276 10.59 -28.88 -8.05
N GLY A 277 11.39 -27.82 -7.81
CA GLY A 277 11.25 -26.61 -8.59
C GLY A 277 11.74 -25.36 -7.89
N HIS A 278 11.50 -25.27 -6.58
CA HIS A 278 11.97 -24.11 -5.83
C HIS A 278 13.49 -24.08 -5.73
N THR A 279 14.05 -22.89 -5.55
CA THR A 279 15.49 -22.71 -5.52
C THR A 279 15.99 -22.23 -4.16
N ASP A 280 15.10 -22.18 -3.18
CA ASP A 280 15.49 -21.88 -1.81
C ASP A 280 14.52 -22.63 -0.93
N VAL A 281 14.70 -22.49 0.38
CA VAL A 281 13.88 -23.18 1.37
C VAL A 281 12.38 -22.97 1.10
N VAL A 282 11.63 -24.07 1.08
CA VAL A 282 10.18 -23.97 0.98
C VAL A 282 9.61 -23.72 2.36
N ILE A 283 9.32 -22.45 2.65
CA ILE A 283 8.95 -22.05 4.00
C ILE A 283 7.47 -22.31 4.27
N SER A 284 6.65 -22.34 3.22
CA SER A 284 5.20 -22.41 3.42
C SER A 284 4.55 -23.27 2.37
N THR A 285 3.60 -24.07 2.79
CA THR A 285 2.73 -24.81 1.88
C THR A 285 1.31 -24.59 2.36
N ALA A 286 0.35 -24.67 1.44
CA ALA A 286 -1.06 -24.58 1.81
C ALA A 286 -1.83 -25.51 0.89
N CYS A 287 -2.94 -26.05 1.41
CA CYS A 287 -3.78 -26.93 0.64
C CYS A 287 -5.14 -26.28 0.39
N HIS A 288 -5.61 -26.36 -0.85
CA HIS A 288 -6.88 -25.77 -1.26
C HIS A 288 -8.05 -26.43 -0.52
N PRO A 289 -9.07 -25.65 -0.14
CA PRO A 289 -10.16 -26.22 0.66
C PRO A 289 -11.02 -27.28 -0.05
N THR A 290 -11.14 -27.24 -1.37
CA THR A 290 -12.03 -28.19 -2.06
C THR A 290 -11.37 -28.99 -3.18
N GLU A 291 -10.34 -28.42 -3.80
CA GLU A 291 -9.66 -29.09 -4.90
C GLU A 291 -8.27 -29.57 -4.47
N ASN A 292 -7.73 -30.53 -5.22
CA ASN A 292 -6.40 -31.06 -4.96
C ASN A 292 -5.35 -30.11 -5.51
N ILE A 293 -5.19 -28.99 -4.81
CA ILE A 293 -4.23 -27.98 -5.23
C ILE A 293 -3.37 -27.63 -4.03
N ILE A 294 -2.06 -27.61 -4.25
CA ILE A 294 -1.12 -27.17 -3.24
C ILE A 294 -0.44 -25.89 -3.69
N ALA A 295 -0.29 -24.94 -2.77
CA ALA A 295 0.54 -23.77 -3.03
C ALA A 295 1.79 -23.92 -2.21
N SER A 296 2.93 -23.55 -2.78
CA SER A 296 4.19 -23.58 -2.03
C SER A 296 4.90 -22.24 -2.21
N ALA A 297 5.71 -21.83 -1.25
CA ALA A 297 6.40 -20.54 -1.35
C ALA A 297 7.79 -20.68 -0.75
N ALA A 298 8.74 -19.91 -1.30
CA ALA A 298 10.12 -20.07 -0.90
C ALA A 298 10.77 -18.77 -0.46
N LEU A 299 11.97 -18.89 0.10
CA LEU A 299 12.64 -17.77 0.74
C LEU A 299 13.40 -16.87 -0.24
N GLU A 300 14.32 -16.07 0.30
CA GLU A 300 14.90 -14.91 -0.39
C GLU A 300 15.56 -15.22 -1.75
N ASN A 301 16.17 -16.38 -1.89
CA ASN A 301 16.84 -16.68 -3.17
C ASN A 301 15.93 -17.33 -4.19
N ASP A 302 14.63 -17.35 -3.90
CA ASP A 302 13.66 -17.88 -4.85
C ASP A 302 12.59 -16.82 -5.12
N LYS A 303 11.87 -16.41 -4.08
CA LYS A 303 10.85 -15.33 -4.13
C LYS A 303 9.56 -15.67 -4.87
N THR A 304 9.38 -16.94 -5.24
CA THR A 304 8.18 -17.30 -5.99
C THR A 304 7.25 -18.19 -5.21
N ILE A 305 6.01 -18.21 -5.68
CA ILE A 305 5.00 -19.14 -5.19
C ILE A 305 4.72 -20.11 -6.32
N LYS A 306 4.52 -21.38 -5.99
CA LYS A 306 4.13 -22.33 -7.02
C LYS A 306 2.80 -22.98 -6.69
N LEU A 307 1.98 -23.20 -7.72
CA LEU A 307 0.70 -23.88 -7.57
C LEU A 307 0.77 -25.24 -8.28
N TRP A 308 0.45 -26.30 -7.55
CA TRP A 308 0.56 -27.66 -8.06
C TRP A 308 -0.81 -28.29 -8.03
N LYS A 309 -1.12 -29.14 -9.01
CA LYS A 309 -2.45 -29.72 -9.09
C LYS A 309 -2.35 -31.23 -9.28
N SER A 310 -3.23 -31.99 -8.61
CA SER A 310 -3.20 -33.46 -8.67
C SER A 310 -4.59 -34.02 -8.95
N ASP A 311 -4.64 -35.23 -9.52
CA ASP A 311 -5.91 -35.94 -9.73
C ASP A 311 -6.51 -36.49 -8.44
N CYS A 312 -5.67 -36.75 -7.45
CA CYS A 312 -6.12 -37.33 -6.18
C CYS A 312 -5.21 -36.85 -5.07
N VAL B 9 -17.78 42.16 -1.87
CA VAL B 9 -17.70 40.85 -1.23
C VAL B 9 -16.24 40.43 -0.95
N LYS B 10 -15.99 40.01 0.28
CA LYS B 10 -14.75 39.33 0.64
C LYS B 10 -15.15 38.00 1.26
N PRO B 11 -14.32 36.96 1.07
CA PRO B 11 -14.69 35.68 1.67
C PRO B 11 -14.41 35.68 3.18
N ASN B 12 -14.94 34.68 3.89
CA ASN B 12 -14.62 34.56 5.31
C ASN B 12 -14.22 33.13 5.65
N TYR B 13 -13.22 32.61 4.94
CA TYR B 13 -12.74 31.26 5.21
C TYR B 13 -12.29 31.12 6.65
N ALA B 14 -12.80 30.07 7.32
CA ALA B 14 -12.45 29.76 8.69
C ALA B 14 -12.00 28.31 8.79
N LEU B 15 -11.00 28.04 9.63
CA LEU B 15 -10.47 26.68 9.78
C LEU B 15 -11.52 25.71 10.31
N LYS B 16 -11.76 24.63 9.58
CA LYS B 16 -12.80 23.64 9.93
C LYS B 16 -12.15 22.37 10.45
N PHE B 17 -11.16 21.86 9.72
CA PHE B 17 -10.49 20.63 10.09
C PHE B 17 -9.02 20.71 9.79
N THR B 18 -8.22 20.05 10.63
CA THR B 18 -6.83 19.75 10.32
C THR B 18 -6.67 18.24 10.19
N LEU B 19 -6.15 17.80 9.05
CA LEU B 19 -6.04 16.38 8.74
C LEU B 19 -4.59 15.94 8.92
N ALA B 20 -4.36 15.08 9.91
CA ALA B 20 -3.00 14.61 10.23
C ALA B 20 -2.91 13.13 9.90
N GLY B 21 -1.75 12.69 9.45
CA GLY B 21 -1.58 11.29 9.08
C GLY B 21 -0.38 11.04 8.19
N HIS B 22 -0.11 11.95 7.27
CA HIS B 22 1.10 11.79 6.46
C HIS B 22 2.33 11.94 7.37
N THR B 23 3.39 11.19 7.07
CA THR B 23 4.56 11.20 7.95
C THR B 23 5.71 11.99 7.34
N LYS B 24 5.49 12.53 6.14
CA LYS B 24 6.43 13.46 5.55
C LYS B 24 5.62 14.58 4.92
N ALA B 25 6.32 15.51 4.26
CA ALA B 25 5.71 16.63 3.54
C ALA B 25 4.52 16.18 2.70
N VAL B 26 3.43 16.94 2.75
CA VAL B 26 2.32 16.71 1.83
C VAL B 26 2.73 17.45 0.55
N SER B 27 2.44 16.89 -0.62
CA SER B 27 2.86 17.54 -1.85
C SER B 27 1.73 18.11 -2.67
N SER B 28 0.54 17.51 -2.60
CA SER B 28 -0.58 17.95 -3.43
C SER B 28 -1.88 17.51 -2.80
N VAL B 29 -2.90 18.38 -2.83
CA VAL B 29 -4.25 18.00 -2.45
C VAL B 29 -5.20 18.36 -3.60
N LYS B 30 -6.19 17.51 -3.85
CA LYS B 30 -7.18 17.74 -4.91
C LYS B 30 -8.53 17.22 -4.46
N PHE B 31 -9.61 17.96 -4.77
CA PHE B 31 -10.97 17.47 -4.48
C PHE B 31 -11.47 16.64 -5.64
N SER B 32 -12.22 15.57 -5.35
CA SER B 32 -12.79 14.76 -6.42
C SER B 32 -13.85 15.60 -7.11
N PRO B 33 -14.04 15.38 -8.42
CA PRO B 33 -15.03 16.17 -9.16
C PRO B 33 -16.43 16.01 -8.59
N ASN B 34 -16.75 14.88 -7.96
CA ASN B 34 -18.09 14.75 -7.39
C ASN B 34 -18.23 15.43 -6.04
N GLY B 35 -17.13 15.99 -5.53
CA GLY B 35 -17.16 16.81 -4.34
C GLY B 35 -17.09 16.03 -3.04
N GLU B 36 -17.03 14.72 -3.15
CA GLU B 36 -17.13 13.86 -1.97
C GLU B 36 -15.81 13.66 -1.22
N TRP B 37 -14.71 13.73 -1.95
CA TRP B 37 -13.41 13.33 -1.40
C TRP B 37 -12.33 14.35 -1.59
N LEU B 38 -11.34 14.31 -0.69
CA LEU B 38 -10.10 15.02 -0.92
C LEU B 38 -9.03 13.96 -1.05
N ALA B 39 -8.17 14.07 -2.06
CA ALA B 39 -7.01 13.20 -2.16
C ALA B 39 -5.78 14.01 -1.78
N SER B 40 -4.89 13.39 -1.03
CA SER B 40 -3.60 14.01 -0.75
C SER B 40 -2.48 13.07 -1.14
N SER B 41 -1.42 13.63 -1.70
CA SER B 41 -0.21 12.87 -1.98
C SER B 41 0.92 13.38 -1.09
N SER B 42 1.93 12.55 -0.87
CA SER B 42 2.99 12.94 0.04
C SER B 42 4.34 12.41 -0.35
N ALA B 43 5.38 13.06 0.17
CA ALA B 43 6.76 12.56 0.10
C ALA B 43 6.90 11.22 0.83
N ASP B 44 5.90 10.82 1.61
CA ASP B 44 5.96 9.54 2.31
C ASP B 44 5.54 8.34 1.45
N LYS B 45 5.37 8.60 0.14
CA LYS B 45 5.03 7.60 -0.89
C LYS B 45 3.54 7.23 -0.92
N LEU B 46 2.73 7.90 -0.10
CA LEU B 46 1.33 7.50 0.05
C LEU B 46 0.36 8.52 -0.55
N ILE B 47 -0.79 8.01 -0.96
CA ILE B 47 -1.94 8.85 -1.27
C ILE B 47 -2.95 8.58 -0.17
N LYS B 48 -3.54 9.62 0.42
CA LYS B 48 -4.62 9.41 1.40
C LYS B 48 -5.91 10.04 0.90
N ILE B 49 -7.03 9.42 1.24
CA ILE B 49 -8.34 9.90 0.81
C ILE B 49 -9.05 10.32 2.08
N TRP B 50 -9.71 11.48 2.06
CA TRP B 50 -10.42 12.00 3.22
C TRP B 50 -11.77 12.51 2.78
N GLY B 51 -12.76 12.50 3.68
CA GLY B 51 -14.06 13.07 3.37
C GLY B 51 -13.96 14.57 3.19
N ALA B 52 -14.49 15.09 2.10
CA ALA B 52 -14.38 16.51 1.78
C ALA B 52 -15.16 17.40 2.76
N TYR B 53 -16.27 16.90 3.27
CA TYR B 53 -17.13 17.71 4.12
C TYR B 53 -16.87 17.56 5.61
N ASP B 54 -16.35 16.41 6.02
CA ASP B 54 -16.18 16.10 7.43
C ASP B 54 -14.72 15.88 7.83
N GLY B 55 -13.84 15.88 6.83
CA GLY B 55 -12.41 15.75 7.05
C GLY B 55 -12.01 14.37 7.51
N LYS B 56 -12.91 13.39 7.39
CA LYS B 56 -12.62 12.08 8.00
C LYS B 56 -11.74 11.21 7.12
N PHE B 57 -10.68 10.68 7.71
CA PHE B 57 -9.78 9.81 6.96
C PHE B 57 -10.55 8.62 6.42
N GLU B 58 -10.33 8.32 5.14
CA GLU B 58 -11.02 7.19 4.51
C GLU B 58 -10.07 6.01 4.27
N LYS B 59 -9.00 6.22 3.52
CA LYS B 59 -8.08 5.12 3.23
C LYS B 59 -6.75 5.61 2.71
N THR B 60 -5.77 4.72 2.74
CA THR B 60 -4.46 5.00 2.20
C THR B 60 -4.27 4.14 0.96
N ILE B 61 -3.71 4.75 -0.07
CA ILE B 61 -3.39 4.05 -1.29
C ILE B 61 -1.85 4.08 -1.49
N SER B 62 -1.26 2.91 -1.68
CA SER B 62 0.20 2.81 -1.69
C SER B 62 0.70 1.94 -2.82
N GLY B 63 1.96 2.11 -3.17
CA GLY B 63 2.53 1.34 -4.27
C GLY B 63 3.77 1.97 -4.88
N HIS B 64 3.83 3.30 -4.90
CA HIS B 64 5.01 3.97 -5.43
C HIS B 64 6.24 3.66 -4.60
N LYS B 65 7.40 3.62 -5.26
CA LYS B 65 8.63 3.24 -4.56
C LYS B 65 9.38 4.43 -3.98
N LEU B 66 9.05 5.64 -4.46
CA LEU B 66 9.58 6.87 -3.88
C LEU B 66 8.44 7.87 -3.70
N GLY B 67 8.74 9.04 -3.13
CA GLY B 67 7.69 10.01 -2.83
C GLY B 67 6.93 10.51 -4.05
N ILE B 68 5.76 11.06 -3.80
CA ILE B 68 4.85 11.50 -4.86
C ILE B 68 4.81 13.01 -4.88
N SER B 69 4.81 13.61 -6.07
CA SER B 69 4.80 15.07 -6.18
C SER B 69 3.45 15.65 -6.57
N ASP B 70 2.56 14.80 -7.11
CA ASP B 70 1.26 15.29 -7.59
C ASP B 70 0.28 14.14 -7.67
N VAL B 71 -1.00 14.47 -7.63
CA VAL B 71 -2.08 13.48 -7.75
C VAL B 71 -3.24 14.19 -8.45
N ALA B 72 -4.06 13.45 -9.18
CA ALA B 72 -5.18 14.05 -9.92
C ALA B 72 -6.30 13.03 -10.04
N TRP B 73 -7.53 13.52 -10.10
CA TRP B 73 -8.72 12.66 -10.17
C TRP B 73 -9.24 12.54 -11.60
N SER B 74 -9.80 11.38 -11.94
CA SER B 74 -10.55 11.25 -13.19
C SER B 74 -11.90 11.94 -13.00
N SER B 75 -12.57 12.24 -14.11
CA SER B 75 -13.81 12.98 -14.07
C SER B 75 -14.96 12.30 -13.32
N ASP B 76 -14.93 10.97 -13.27
CA ASP B 76 -15.98 10.23 -12.56
C ASP B 76 -15.61 9.96 -11.10
N SER B 77 -14.49 10.55 -10.66
CA SER B 77 -14.04 10.46 -9.27
C SER B 77 -13.62 9.04 -8.84
N ASN B 78 -13.44 8.14 -9.81
CA ASN B 78 -13.13 6.77 -9.46
C ASN B 78 -11.67 6.37 -9.65
N LEU B 79 -10.93 7.15 -10.43
CA LEU B 79 -9.51 6.90 -10.63
C LEU B 79 -8.68 8.06 -10.11
N LEU B 80 -7.47 7.74 -9.67
CA LEU B 80 -6.43 8.73 -9.40
C LEU B 80 -5.23 8.41 -10.26
N VAL B 81 -4.46 9.44 -10.60
CA VAL B 81 -3.14 9.26 -11.17
C VAL B 81 -2.18 10.01 -10.26
N SER B 82 -0.99 9.44 -10.05
CA SER B 82 0.02 10.04 -9.19
C SER B 82 1.34 10.08 -9.93
N ALA B 83 2.16 11.07 -9.63
CA ALA B 83 3.43 11.30 -10.31
C ALA B 83 4.50 11.19 -9.25
N SER B 84 5.50 10.34 -9.50
CA SER B 84 6.46 9.99 -8.45
C SER B 84 7.94 10.19 -8.81
N ASP B 85 8.77 10.33 -7.79
CA ASP B 85 10.22 10.36 -7.98
C ASP B 85 10.73 9.02 -8.51
N ASP B 86 9.91 7.97 -8.42
CA ASP B 86 10.33 6.67 -8.95
C ASP B 86 10.29 6.60 -10.50
N LYS B 87 10.03 7.75 -11.12
CA LYS B 87 10.00 7.96 -12.57
C LYS B 87 8.77 7.44 -13.28
N THR B 88 7.78 7.03 -12.50
CA THR B 88 6.55 6.51 -13.08
C THR B 88 5.36 7.34 -12.67
N LEU B 89 4.27 7.16 -13.39
CA LEU B 89 2.97 7.52 -12.87
C LEU B 89 2.22 6.22 -12.62
N LYS B 90 1.24 6.27 -11.74
CA LYS B 90 0.38 5.12 -11.50
C LYS B 90 -1.06 5.54 -11.55
N ILE B 91 -1.87 4.72 -12.21
CA ILE B 91 -3.30 4.94 -12.24
C ILE B 91 -3.92 4.00 -11.22
N TRP B 92 -4.78 4.54 -10.35
CA TRP B 92 -5.33 3.78 -9.24
C TRP B 92 -6.83 3.71 -9.33
N ASP B 93 -7.40 2.55 -9.03
CA ASP B 93 -8.84 2.47 -8.78
C ASP B 93 -9.04 2.76 -7.29
N VAL B 94 -9.72 3.86 -6.96
CA VAL B 94 -9.73 4.34 -5.58
C VAL B 94 -10.48 3.39 -4.65
N SER B 95 -11.57 2.82 -5.15
CA SER B 95 -12.40 1.96 -4.31
C SER B 95 -11.69 0.65 -3.95
N SER B 96 -10.96 0.06 -4.89
CA SER B 96 -10.26 -1.19 -4.59
C SER B 96 -8.84 -0.97 -4.10
N GLY B 97 -8.31 0.22 -4.33
CA GLY B 97 -6.91 0.52 -4.04
C GLY B 97 -5.95 -0.11 -5.02
N LYS B 98 -6.47 -0.68 -6.10
CA LYS B 98 -5.59 -1.38 -7.04
C LYS B 98 -4.85 -0.41 -7.95
N CYS B 99 -3.57 -0.69 -8.20
CA CYS B 99 -2.83 -0.02 -9.25
C CYS B 99 -3.21 -0.67 -10.57
N LEU B 100 -3.93 0.07 -11.39
CA LEU B 100 -4.42 -0.45 -12.66
C LEU B 100 -3.32 -0.50 -13.71
N LYS B 101 -2.51 0.56 -13.75
CA LYS B 101 -1.46 0.74 -14.73
C LYS B 101 -0.29 1.50 -14.12
N THR B 102 0.93 1.14 -14.52
CA THR B 102 2.11 1.94 -14.19
C THR B 102 2.61 2.50 -15.51
N LEU B 103 2.70 3.84 -15.57
CA LEU B 103 3.05 4.53 -16.80
C LEU B 103 4.55 4.77 -16.82
N LYS B 104 5.26 4.02 -17.66
CA LYS B 104 6.72 4.09 -17.69
C LYS B 104 7.21 4.75 -18.95
N GLY B 105 8.25 5.57 -18.83
CA GLY B 105 8.81 6.23 -19.99
C GLY B 105 9.69 7.40 -19.62
N HIS B 106 9.24 8.19 -18.65
CA HIS B 106 10.06 9.31 -18.19
C HIS B 106 11.41 8.83 -17.69
N SER B 107 12.44 9.66 -17.85
CA SER B 107 13.78 9.25 -17.47
C SER B 107 14.27 9.96 -16.21
N ASN B 108 13.37 10.72 -15.57
CA ASN B 108 13.70 11.42 -14.35
C ASN B 108 12.40 11.57 -13.56
N TYR B 109 12.45 12.24 -12.41
CA TYR B 109 11.26 12.38 -11.55
C TYR B 109 10.03 12.86 -12.33
N VAL B 110 8.86 12.27 -12.08
CA VAL B 110 7.64 12.82 -12.67
C VAL B 110 7.07 13.78 -11.64
N PHE B 111 6.76 14.99 -12.07
CA PHE B 111 6.49 16.09 -11.16
C PHE B 111 5.02 16.51 -11.08
N CYS B 112 4.31 16.40 -12.20
CA CYS B 112 2.94 16.91 -12.31
C CYS B 112 2.13 16.01 -13.23
N CYS B 113 0.83 15.99 -13.01
CA CYS B 113 -0.03 15.13 -13.81
C CYS B 113 -1.47 15.60 -13.75
N ASN B 114 -2.24 15.24 -14.77
CA ASN B 114 -3.66 15.58 -14.82
C ASN B 114 -4.36 14.67 -15.81
N PHE B 115 -5.64 14.39 -15.57
CA PHE B 115 -6.49 13.72 -16.56
C PHE B 115 -7.09 14.76 -17.46
N ASN B 116 -7.42 14.39 -18.70
CA ASN B 116 -8.25 15.28 -19.52
C ASN B 116 -9.71 15.18 -19.04
N PRO B 117 -10.55 16.14 -19.42
CA PRO B 117 -11.95 16.06 -18.95
C PRO B 117 -12.67 14.77 -19.32
N GLN B 118 -12.37 14.19 -20.48
CA GLN B 118 -12.95 12.91 -20.87
C GLN B 118 -12.34 11.78 -20.05
N SER B 119 -11.13 12.01 -19.54
CA SER B 119 -10.42 11.05 -18.70
C SER B 119 -9.97 9.78 -19.42
N ASN B 120 -9.79 9.87 -20.73
CA ASN B 120 -9.18 8.79 -21.48
C ASN B 120 -7.68 9.07 -21.65
N LEU B 121 -7.25 10.27 -21.28
CA LEU B 121 -5.84 10.65 -21.38
C LEU B 121 -5.29 11.20 -20.07
N ILE B 122 -3.99 11.00 -19.89
CA ILE B 122 -3.27 11.61 -18.78
C ILE B 122 -2.15 12.41 -19.39
N VAL B 123 -1.91 13.60 -18.86
CA VAL B 123 -0.72 14.35 -19.25
C VAL B 123 0.23 14.40 -18.08
N SER B 124 1.53 14.28 -18.35
CA SER B 124 2.51 14.33 -17.28
C SER B 124 3.65 15.26 -17.65
N GLY B 125 4.29 15.81 -16.63
CA GLY B 125 5.48 16.61 -16.83
C GLY B 125 6.58 16.11 -15.93
N SER B 126 7.83 16.19 -16.40
CA SER B 126 8.95 15.55 -15.69
C SER B 126 10.19 16.43 -15.59
N PHE B 127 11.07 16.07 -14.67
CA PHE B 127 12.41 16.65 -14.62
C PHE B 127 13.23 16.32 -15.85
N ASP B 128 12.76 15.35 -16.65
CA ASP B 128 13.45 15.04 -17.90
C ASP B 128 13.10 16.05 -19.01
N GLU B 129 12.34 17.08 -18.63
CA GLU B 129 12.05 18.24 -19.50
C GLU B 129 10.99 17.96 -20.55
N SER B 130 10.34 16.80 -20.47
CA SER B 130 9.35 16.43 -21.46
C SER B 130 7.97 16.48 -20.85
N VAL B 131 6.98 16.58 -21.73
CA VAL B 131 5.58 16.41 -21.38
C VAL B 131 5.14 15.14 -22.10
N ARG B 132 4.49 14.23 -21.39
CA ARG B 132 4.01 13.02 -22.05
C ARG B 132 2.50 12.92 -21.99
N ILE B 133 1.91 12.38 -23.05
CA ILE B 133 0.46 12.16 -23.09
C ILE B 133 0.24 10.66 -23.10
N TRP B 134 -0.56 10.15 -22.16
CA TRP B 134 -0.73 8.70 -22.00
C TRP B 134 -2.17 8.27 -22.21
N ASP B 135 -2.35 7.04 -22.70
CA ASP B 135 -3.68 6.44 -22.79
C ASP B 135 -4.03 5.79 -21.46
N VAL B 136 -5.16 6.17 -20.87
CA VAL B 136 -5.57 5.66 -19.55
C VAL B 136 -5.82 4.15 -19.52
N LYS B 137 -6.49 3.62 -20.54
CA LYS B 137 -6.82 2.19 -20.56
C LYS B 137 -5.61 1.30 -20.75
N THR B 138 -4.74 1.68 -21.69
CA THR B 138 -3.61 0.85 -22.08
C THR B 138 -2.37 1.16 -21.26
N GLY B 139 -2.28 2.40 -20.75
CA GLY B 139 -1.11 2.80 -20.00
C GLY B 139 0.07 3.07 -20.92
N LYS B 140 -0.21 3.14 -22.23
CA LYS B 140 0.82 3.42 -23.21
C LYS B 140 1.07 4.91 -23.39
N CYS B 141 2.32 5.28 -23.61
CA CYS B 141 2.60 6.68 -23.93
C CYS B 141 2.23 6.93 -25.38
N LEU B 142 1.35 7.89 -25.63
CA LEU B 142 0.93 8.20 -26.98
C LEU B 142 1.86 9.24 -27.62
N LYS B 143 2.29 10.21 -26.84
CA LYS B 143 3.12 11.29 -27.37
C LYS B 143 4.14 11.74 -26.35
N THR B 144 5.32 12.09 -26.83
CA THR B 144 6.37 12.68 -26.00
C THR B 144 6.68 14.04 -26.61
N LEU B 145 6.39 15.11 -25.90
CA LEU B 145 6.61 16.46 -26.42
C LEU B 145 7.93 16.99 -25.88
N PRO B 146 8.79 17.51 -26.77
CA PRO B 146 10.06 18.15 -26.37
C PRO B 146 9.77 19.54 -25.83
N ALA B 147 9.07 19.56 -24.70
CA ALA B 147 8.32 20.72 -24.29
C ALA B 147 9.17 21.88 -23.81
N HIS B 148 10.22 21.58 -23.07
CA HIS B 148 10.96 22.61 -22.36
C HIS B 148 12.43 22.26 -22.29
N SER B 149 13.23 23.19 -21.78
CA SER B 149 14.67 22.98 -21.65
C SER B 149 15.10 22.95 -20.19
N ASP B 150 14.12 22.73 -19.29
CA ASP B 150 14.36 22.57 -17.86
C ASP B 150 13.17 21.75 -17.34
N PRO B 151 13.25 21.27 -16.09
CA PRO B 151 12.12 20.53 -15.49
C PRO B 151 10.75 21.17 -15.72
N VAL B 152 9.77 20.33 -16.04
CA VAL B 152 8.41 20.78 -16.24
C VAL B 152 7.64 20.84 -14.92
N SER B 153 7.18 22.03 -14.57
CA SER B 153 6.60 22.27 -13.25
C SER B 153 5.09 22.00 -13.16
N ALA B 154 4.35 22.15 -14.26
CA ALA B 154 2.91 21.93 -14.23
C ALA B 154 2.45 21.53 -15.62
N VAL B 155 1.36 20.75 -15.68
CA VAL B 155 0.66 20.43 -16.93
C VAL B 155 -0.84 20.40 -16.64
N HIS B 156 -1.65 20.93 -17.55
CA HIS B 156 -3.10 21.01 -17.32
C HIS B 156 -3.86 21.01 -18.64
N PHE B 157 -4.96 20.26 -18.71
CA PHE B 157 -5.83 20.29 -19.89
C PHE B 157 -6.85 21.42 -19.75
N ASN B 158 -7.26 21.99 -20.87
CA ASN B 158 -8.36 22.94 -20.81
C ASN B 158 -9.68 22.17 -20.75
N ARG B 159 -10.79 22.87 -20.70
CA ARG B 159 -12.04 22.21 -20.33
C ARG B 159 -12.61 21.25 -21.37
N ASP B 160 -12.19 21.37 -22.63
CA ASP B 160 -12.62 20.39 -23.62
C ASP B 160 -11.53 19.40 -24.01
N GLY B 161 -10.37 19.50 -23.34
CA GLY B 161 -9.28 18.57 -23.55
C GLY B 161 -8.48 18.82 -24.83
N SER B 162 -8.81 19.88 -25.54
CA SER B 162 -8.19 20.12 -26.83
C SER B 162 -6.81 20.76 -26.70
N LEU B 163 -6.55 21.37 -25.55
CA LEU B 163 -5.27 22.03 -25.30
C LEU B 163 -4.63 21.56 -24.01
N ILE B 164 -3.30 21.53 -23.99
CA ILE B 164 -2.54 21.32 -22.77
C ILE B 164 -1.69 22.56 -22.54
N VAL B 165 -1.65 23.05 -21.29
CA VAL B 165 -0.69 24.09 -20.95
C VAL B 165 0.41 23.51 -20.08
N SER B 166 1.66 23.86 -20.38
CA SER B 166 2.80 23.40 -19.58
C SER B 166 3.65 24.59 -19.14
N SER B 167 4.35 24.42 -18.03
CA SER B 167 5.27 25.45 -17.54
C SER B 167 6.57 24.80 -17.15
N SER B 168 7.63 25.61 -17.05
CA SER B 168 8.94 25.09 -16.73
C SER B 168 9.82 26.12 -16.09
N TYR B 169 10.86 25.62 -15.42
CA TYR B 169 11.92 26.45 -14.92
C TYR B 169 12.60 27.26 -16.01
N ASP B 170 12.39 26.88 -17.28
CA ASP B 170 12.98 27.61 -18.41
C ASP B 170 12.32 28.97 -18.65
N GLY B 171 11.27 29.26 -17.87
CA GLY B 171 10.67 30.57 -17.90
C GLY B 171 9.50 30.68 -18.87
N LEU B 172 9.17 29.58 -19.54
CA LEU B 172 8.11 29.63 -20.55
C LEU B 172 6.85 28.90 -20.13
N CYS B 173 5.71 29.40 -20.62
CA CYS B 173 4.45 28.65 -20.62
C CYS B 173 4.21 28.28 -22.05
N ARG B 174 3.88 27.02 -22.29
CA ARG B 174 3.60 26.61 -23.66
C ARG B 174 2.27 25.93 -23.74
N ILE B 175 1.60 26.10 -24.88
CA ILE B 175 0.28 25.52 -25.04
C ILE B 175 0.37 24.55 -26.20
N TRP B 176 -0.21 23.37 -26.03
CA TRP B 176 -0.04 22.28 -26.98
C TRP B 176 -1.38 21.82 -27.50
N ASP B 177 -1.40 21.43 -28.77
CA ASP B 177 -2.57 20.79 -29.36
C ASP B 177 -2.55 19.31 -28.95
N THR B 178 -3.54 18.88 -28.16
CA THR B 178 -3.59 17.49 -27.69
C THR B 178 -3.60 16.50 -28.86
N ALA B 179 -4.33 16.84 -29.90
CA ALA B 179 -4.51 15.97 -31.05
C ALA B 179 -3.20 15.77 -31.83
N SER B 180 -2.48 16.86 -32.09
CA SER B 180 -1.29 16.79 -32.94
C SER B 180 0.02 16.72 -32.18
N GLY B 181 0.05 17.20 -30.94
CA GLY B 181 1.31 17.29 -30.21
C GLY B 181 2.07 18.56 -30.56
N GLN B 182 1.47 19.39 -31.41
CA GLN B 182 2.12 20.61 -31.88
C GLN B 182 2.05 21.76 -30.87
N CYS B 183 3.15 22.49 -30.71
CA CYS B 183 3.11 23.69 -29.87
C CYS B 183 2.34 24.80 -30.59
N LEU B 184 1.28 25.28 -29.94
CA LEU B 184 0.41 26.30 -30.52
C LEU B 184 0.74 27.70 -30.02
N LYS B 185 1.53 27.79 -28.95
CA LYS B 185 1.83 29.08 -28.37
C LYS B 185 2.91 29.00 -27.32
N THR B 186 3.75 30.02 -27.27
CA THR B 186 4.71 30.17 -26.20
C THR B 186 4.46 31.54 -25.59
N LEU B 187 4.21 31.56 -24.29
CA LEU B 187 3.89 32.80 -23.59
C LEU B 187 5.09 33.27 -22.77
N ILE B 188 5.48 34.52 -22.97
CA ILE B 188 6.54 35.10 -22.17
C ILE B 188 6.32 36.60 -22.07
N ASP B 189 6.52 37.16 -20.88
CA ASP B 189 6.27 38.58 -20.66
C ASP B 189 7.57 39.34 -20.85
N ASP B 190 7.84 40.27 -19.96
CA ASP B 190 9.02 41.13 -20.10
C ASP B 190 10.28 40.59 -19.40
N ASP B 191 10.18 39.41 -18.80
CA ASP B 191 11.32 38.74 -18.21
C ASP B 191 11.01 37.25 -18.23
N ASN B 192 11.99 36.40 -17.89
CA ASN B 192 11.69 34.96 -17.84
C ASN B 192 12.11 34.24 -16.56
N PRO B 193 11.58 34.69 -15.40
CA PRO B 193 11.82 33.90 -14.20
C PRO B 193 11.19 32.53 -14.36
N PRO B 194 11.68 31.52 -13.62
CA PRO B 194 11.09 30.19 -13.65
C PRO B 194 9.57 30.25 -13.45
N VAL B 195 8.84 29.51 -14.28
CA VAL B 195 7.40 29.40 -14.11
C VAL B 195 7.17 28.13 -13.34
N SER B 196 6.52 28.27 -12.18
CA SER B 196 6.49 27.19 -11.20
C SER B 196 5.13 26.52 -11.15
N PHE B 197 4.16 27.14 -11.83
CA PHE B 197 2.81 26.59 -11.93
C PHE B 197 2.02 27.24 -13.05
N VAL B 198 1.19 26.45 -13.73
CA VAL B 198 0.21 26.99 -14.68
C VAL B 198 -1.05 26.18 -14.64
N LYS B 199 -2.17 26.82 -14.94
CA LYS B 199 -3.43 26.12 -15.15
C LYS B 199 -4.41 27.00 -15.92
N PHE B 200 -5.29 26.38 -16.69
CA PHE B 200 -6.36 27.10 -17.38
C PHE B 200 -7.45 27.51 -16.39
N SER B 201 -8.11 28.62 -16.69
CA SER B 201 -9.29 29.06 -15.98
C SER B 201 -10.40 28.08 -16.32
N PRO B 202 -11.43 27.99 -15.47
CA PRO B 202 -12.52 27.03 -15.69
C PRO B 202 -13.14 27.15 -17.07
N ASN B 203 -13.28 28.39 -17.57
CA ASN B 203 -13.89 28.59 -18.88
C ASN B 203 -12.90 28.45 -20.04
N GLY B 204 -11.64 28.21 -19.71
CA GLY B 204 -10.62 27.93 -20.70
C GLY B 204 -10.03 29.15 -21.37
N LYS B 205 -10.47 30.35 -20.97
CA LYS B 205 -10.06 31.58 -21.64
C LYS B 205 -8.73 32.12 -21.15
N TYR B 206 -8.40 31.80 -19.91
CA TYR B 206 -7.21 32.36 -19.28
C TYR B 206 -6.31 31.26 -18.79
N ILE B 207 -5.05 31.63 -18.60
CA ILE B 207 -4.11 30.78 -17.90
C ILE B 207 -3.60 31.54 -16.69
N LEU B 208 -3.54 30.87 -15.54
CA LEU B 208 -2.95 31.44 -14.34
C LEU B 208 -1.55 30.89 -14.22
N ALA B 209 -0.54 31.76 -14.10
CA ALA B 209 0.84 31.28 -14.07
C ALA B 209 1.56 31.86 -12.87
N ALA B 210 2.22 30.99 -12.11
CA ALA B 210 3.07 31.41 -10.99
C ALA B 210 4.52 31.48 -11.46
N THR B 211 5.22 32.54 -11.05
CA THR B 211 6.66 32.60 -11.29
C THR B 211 7.41 32.71 -9.96
N LEU B 212 8.67 32.30 -9.97
CA LEU B 212 9.47 32.30 -8.75
C LEU B 212 10.07 33.66 -8.45
N ASP B 213 9.29 34.71 -8.71
CA ASP B 213 9.65 36.06 -8.33
C ASP B 213 8.48 36.65 -7.56
N ASN B 214 7.79 35.79 -6.79
CA ASN B 214 6.72 36.22 -5.92
C ASN B 214 5.55 36.83 -6.68
N THR B 215 5.23 36.25 -7.83
CA THR B 215 4.20 36.84 -8.67
C THR B 215 3.31 35.76 -9.28
N LEU B 216 2.01 36.04 -9.33
CA LEU B 216 1.06 35.24 -10.09
C LEU B 216 0.54 36.11 -11.22
N LYS B 217 0.33 35.54 -12.39
CA LYS B 217 -0.19 36.32 -13.52
C LYS B 217 -1.34 35.63 -14.20
N LEU B 218 -2.34 36.42 -14.60
CA LEU B 218 -3.47 35.93 -15.36
C LEU B 218 -3.25 36.35 -16.82
N TRP B 219 -3.11 35.36 -17.69
CA TRP B 219 -2.87 35.59 -19.10
C TRP B 219 -4.13 35.35 -19.91
N ASP B 220 -4.40 36.24 -20.86
CA ASP B 220 -5.41 35.90 -21.86
C ASP B 220 -4.72 35.03 -22.90
N TYR B 221 -5.17 33.77 -23.01
CA TYR B 221 -4.53 32.80 -23.88
C TYR B 221 -4.50 33.27 -25.35
N SER B 222 -5.67 33.65 -25.87
CA SER B 222 -5.80 34.05 -27.27
C SER B 222 -4.93 35.27 -27.60
N LYS B 223 -5.06 36.30 -26.78
CA LYS B 223 -4.36 37.56 -27.00
C LYS B 223 -2.88 37.38 -26.73
N GLY B 224 -2.55 36.36 -25.93
CA GLY B 224 -1.17 36.14 -25.52
C GLY B 224 -0.64 37.29 -24.69
N LYS B 225 -1.49 37.84 -23.82
CA LYS B 225 -1.13 39.00 -23.03
C LYS B 225 -1.48 38.81 -21.57
N CYS B 226 -0.61 39.31 -20.70
CA CYS B 226 -0.88 39.32 -19.27
C CYS B 226 -1.95 40.35 -18.91
N LEU B 227 -3.03 39.91 -18.28
CA LEU B 227 -4.14 40.80 -17.95
C LEU B 227 -4.09 41.27 -16.50
N LYS B 228 -3.72 40.36 -15.59
CA LYS B 228 -3.74 40.65 -14.16
C LYS B 228 -2.44 40.18 -13.52
N THR B 229 -2.04 40.89 -12.47
CA THR B 229 -0.86 40.50 -11.72
C THR B 229 -1.22 40.46 -10.22
N TYR B 230 -0.85 39.37 -9.53
CA TYR B 230 -1.14 39.23 -8.10
C TYR B 230 0.14 39.10 -7.28
N THR B 231 0.27 39.90 -6.23
CA THR B 231 1.49 39.92 -5.44
C THR B 231 1.15 40.00 -3.97
N GLY B 232 2.18 39.93 -3.12
CA GLY B 232 1.98 40.05 -1.69
C GLY B 232 2.42 38.80 -0.95
N HIS B 233 2.40 37.67 -1.65
CA HIS B 233 2.83 36.40 -1.08
C HIS B 233 4.32 36.16 -1.33
N LYS B 234 4.82 35.06 -0.80
CA LYS B 234 6.23 34.72 -0.97
C LYS B 234 6.35 33.44 -1.79
N ASN B 235 7.04 33.51 -2.93
CA ASN B 235 7.22 32.31 -3.74
C ASN B 235 8.45 32.46 -4.60
N GLU B 236 9.58 31.95 -4.10
CA GLU B 236 10.85 32.03 -4.82
C GLU B 236 11.52 30.67 -4.94
N LYS B 237 10.97 29.66 -4.28
CA LYS B 237 11.69 28.39 -4.13
C LYS B 237 10.93 27.16 -4.58
N TYR B 238 9.62 27.14 -4.34
CA TYR B 238 8.82 25.92 -4.49
C TYR B 238 7.78 26.07 -5.56
N CYS B 239 7.36 24.94 -6.13
CA CYS B 239 6.28 24.96 -7.12
C CYS B 239 4.95 24.79 -6.41
N ILE B 240 4.34 25.94 -6.11
CA ILE B 240 3.14 26.00 -5.28
C ILE B 240 1.92 26.04 -6.20
N PHE B 241 0.91 25.24 -5.90
CA PHE B 241 -0.31 25.22 -6.70
C PHE B 241 -1.10 26.50 -6.48
N ALA B 242 -1.83 26.93 -7.50
CA ALA B 242 -2.71 28.08 -7.36
C ALA B 242 -4.05 27.67 -7.98
N ASN B 243 -5.11 28.41 -7.67
CA ASN B 243 -6.43 28.02 -8.12
C ASN B 243 -7.32 29.20 -8.45
N PHE B 244 -8.32 28.94 -9.29
CA PHE B 244 -9.47 29.81 -9.40
C PHE B 244 -10.55 29.30 -8.48
N SER B 245 -11.04 30.15 -7.60
CA SER B 245 -12.17 29.81 -6.74
C SER B 245 -13.41 30.43 -7.37
N VAL B 246 -14.42 29.62 -7.66
CA VAL B 246 -15.54 30.14 -8.44
C VAL B 246 -16.91 29.84 -7.84
N THR B 247 -16.93 29.10 -6.74
CA THR B 247 -18.18 28.70 -6.11
C THR B 247 -18.92 29.86 -5.46
N GLY B 248 -18.17 30.83 -4.95
CA GLY B 248 -18.73 32.03 -4.38
C GLY B 248 -18.17 33.25 -5.10
N GLY B 249 -17.48 34.12 -4.37
CA GLY B 249 -16.80 35.22 -5.02
C GLY B 249 -15.70 34.70 -5.92
N LYS B 250 -15.35 35.45 -6.97
CA LYS B 250 -14.33 34.98 -7.90
C LYS B 250 -12.95 35.35 -7.37
N TRP B 251 -12.23 34.37 -6.85
CA TRP B 251 -10.93 34.61 -6.23
C TRP B 251 -9.80 33.91 -6.97
N ILE B 252 -8.58 34.33 -6.68
CA ILE B 252 -7.38 33.56 -6.95
C ILE B 252 -6.88 33.06 -5.59
N VAL B 253 -6.51 31.78 -5.49
CA VAL B 253 -6.07 31.22 -4.22
C VAL B 253 -4.70 30.60 -4.43
N SER B 254 -3.77 30.82 -3.50
CA SER B 254 -2.45 30.20 -3.62
C SER B 254 -1.85 29.98 -2.26
N GLY B 255 -0.93 29.02 -2.17
CA GLY B 255 -0.12 28.89 -0.97
C GLY B 255 1.03 29.86 -1.07
N SER B 256 1.93 29.79 -0.09
CA SER B 256 2.98 30.79 0.03
C SER B 256 4.09 30.26 0.93
N GLU B 257 5.31 30.79 0.76
CA GLU B 257 6.44 30.31 1.53
C GLU B 257 6.57 30.99 2.90
N ASP B 258 5.62 31.87 3.20
CA ASP B 258 5.50 32.43 4.55
C ASP B 258 4.42 31.69 5.35
N ASN B 259 4.07 30.49 4.89
CA ASN B 259 3.17 29.57 5.59
C ASN B 259 1.69 29.96 5.61
N LEU B 260 1.30 30.92 4.79
CA LEU B 260 -0.09 31.35 4.71
C LEU B 260 -0.73 30.93 3.40
N VAL B 261 -2.06 30.84 3.40
CA VAL B 261 -2.82 30.75 2.16
C VAL B 261 -3.24 32.17 1.78
N TYR B 262 -2.97 32.58 0.54
CA TYR B 262 -3.40 33.90 0.08
C TYR B 262 -4.62 33.79 -0.79
N ILE B 263 -5.55 34.73 -0.61
CA ILE B 263 -6.73 34.81 -1.47
C ILE B 263 -6.83 36.24 -2.01
N TRP B 264 -6.90 36.36 -3.34
CA TRP B 264 -7.03 37.67 -3.99
C TRP B 264 -8.35 37.80 -4.71
N ASN B 265 -8.84 39.03 -4.80
CA ASN B 265 -9.93 39.35 -5.73
C ASN B 265 -9.37 39.25 -7.15
N LEU B 266 -9.97 38.41 -7.99
CA LEU B 266 -9.44 38.14 -9.33
C LEU B 266 -9.37 39.43 -10.15
N GLN B 267 -10.42 40.24 -10.11
CA GLN B 267 -10.47 41.43 -10.95
C GLN B 267 -9.67 42.60 -10.38
N THR B 268 -9.82 42.88 -9.09
CA THR B 268 -9.16 44.02 -8.47
C THR B 268 -7.70 43.77 -8.08
N LYS B 269 -7.32 42.49 -8.00
CA LYS B 269 -5.98 42.06 -7.59
C LYS B 269 -5.65 42.31 -6.11
N GLU B 270 -6.64 42.74 -5.34
CA GLU B 270 -6.41 43.00 -3.93
C GLU B 270 -6.39 41.70 -3.12
N ILE B 271 -5.50 41.63 -2.12
CA ILE B 271 -5.57 40.53 -1.16
C ILE B 271 -6.83 40.67 -0.33
N VAL B 272 -7.66 39.62 -0.31
CA VAL B 272 -8.91 39.71 0.42
C VAL B 272 -8.91 38.88 1.69
N GLN B 273 -7.99 37.92 1.78
CA GLN B 273 -7.88 37.13 3.00
C GLN B 273 -6.54 36.40 3.04
N LYS B 274 -6.02 36.19 4.24
CA LYS B 274 -4.81 35.39 4.44
C LYS B 274 -5.12 34.39 5.54
N LEU B 275 -4.99 33.10 5.22
CA LEU B 275 -5.36 32.04 6.15
C LEU B 275 -4.12 31.56 6.90
N GLN B 276 -4.18 31.64 8.23
CA GLN B 276 -3.03 31.38 9.08
C GLN B 276 -3.24 30.06 9.83
N GLY B 277 -2.16 29.32 10.06
CA GLY B 277 -2.23 28.07 10.80
C GLY B 277 -1.16 27.07 10.46
N HIS B 278 -0.75 27.01 9.20
CA HIS B 278 0.32 26.08 8.82
C HIS B 278 1.65 26.51 9.39
N THR B 279 2.55 25.54 9.59
CA THR B 279 3.84 25.82 10.21
C THR B 279 5.01 25.61 9.26
N ASP B 280 4.71 25.36 7.99
CA ASP B 280 5.74 25.29 6.97
C ASP B 280 5.08 25.78 5.69
N VAL B 281 5.86 25.80 4.61
CA VAL B 281 5.41 26.29 3.31
C VAL B 281 4.10 25.63 2.91
N VAL B 282 3.13 26.45 2.49
CA VAL B 282 1.90 25.92 1.95
C VAL B 282 2.10 25.63 0.47
N ILE B 283 2.39 24.36 0.17
CA ILE B 283 2.78 23.95 -1.17
C ILE B 283 1.57 23.76 -2.09
N SER B 284 0.40 23.49 -1.52
CA SER B 284 -0.76 23.12 -2.35
C SER B 284 -2.03 23.68 -1.75
N THR B 285 -2.89 24.19 -2.62
CA THR B 285 -4.23 24.56 -2.24
C THR B 285 -5.16 23.96 -3.29
N ALA B 286 -6.41 23.74 -2.91
CA ALA B 286 -7.40 23.26 -3.87
C ALA B 286 -8.74 23.83 -3.46
N CYS B 287 -9.61 24.03 -4.45
CA CYS B 287 -10.93 24.58 -4.21
C CYS B 287 -11.99 23.53 -4.54
N HIS B 288 -12.97 23.38 -3.65
CA HIS B 288 -14.04 22.39 -3.83
C HIS B 288 -14.88 22.75 -5.05
N PRO B 289 -15.36 21.73 -5.79
CA PRO B 289 -16.08 22.01 -7.04
C PRO B 289 -17.43 22.70 -6.87
N THR B 290 -18.12 22.52 -5.73
CA THR B 290 -19.46 23.12 -5.58
C THR B 290 -19.64 23.99 -4.34
N GLU B 291 -18.87 23.72 -3.29
CA GLU B 291 -18.99 24.48 -2.06
C GLU B 291 -17.77 25.37 -1.84
N ASN B 292 -17.93 26.39 -1.00
CA ASN B 292 -16.85 27.31 -0.68
C ASN B 292 -15.94 26.68 0.34
N ILE B 293 -15.15 25.72 -0.12
CA ILE B 293 -14.24 25.00 0.75
C ILE B 293 -12.86 25.02 0.09
N ILE B 294 -11.84 25.36 0.88
CA ILE B 294 -10.48 25.31 0.42
C ILE B 294 -9.73 24.25 1.23
N ALA B 295 -8.91 23.46 0.54
CA ALA B 295 -7.97 22.56 1.23
C ALA B 295 -6.58 23.15 1.04
N SER B 296 -5.77 23.10 2.09
CA SER B 296 -4.38 23.53 1.99
C SER B 296 -3.48 22.46 2.57
N ALA B 297 -2.24 22.37 2.10
CA ALA B 297 -1.31 21.35 2.58
C ALA B 297 0.08 21.94 2.68
N ALA B 298 0.86 21.45 3.63
CA ALA B 298 2.16 22.05 3.89
C ALA B 298 3.30 21.04 3.87
N LEU B 299 4.53 21.55 3.91
CA LEU B 299 5.71 20.72 3.71
C LEU B 299 6.18 20.01 4.98
N GLU B 300 7.44 19.57 4.98
CA GLU B 300 7.95 18.58 5.94
C GLU B 300 7.81 18.97 7.42
N ASN B 301 7.92 20.25 7.74
CA ASN B 301 7.82 20.64 9.14
C ASN B 301 6.41 20.90 9.61
N ASP B 302 5.44 20.57 8.76
CA ASP B 302 4.04 20.72 9.14
C ASP B 302 3.31 19.38 8.99
N LYS B 303 3.32 18.84 7.77
CA LYS B 303 2.74 17.51 7.44
C LYS B 303 1.21 17.41 7.49
N THR B 304 0.52 18.54 7.64
CA THR B 304 -0.93 18.47 7.74
C THR B 304 -1.64 19.11 6.56
N ILE B 305 -2.90 18.72 6.43
CA ILE B 305 -3.81 19.33 5.47
C ILE B 305 -4.84 20.09 6.30
N LYS B 306 -5.24 21.27 5.83
CA LYS B 306 -6.31 21.98 6.50
C LYS B 306 -7.48 22.22 5.56
N LEU B 307 -8.69 22.12 6.10
CA LEU B 307 -9.89 22.40 5.35
C LEU B 307 -10.54 23.66 5.92
N TRP B 308 -10.83 24.62 5.04
CA TRP B 308 -11.37 25.92 5.44
C TRP B 308 -12.70 26.12 4.75
N LYS B 309 -13.65 26.75 5.43
CA LYS B 309 -14.98 26.92 4.86
C LYS B 309 -15.43 28.37 4.98
N SER B 310 -16.09 28.88 3.95
CA SER B 310 -16.53 30.28 3.88
C SER B 310 -18.00 30.39 3.49
N ASP B 311 -18.66 31.48 3.89
CA ASP B 311 -20.03 31.76 3.44
C ASP B 311 -20.13 32.20 1.98
N CYS B 312 -19.04 32.77 1.45
CA CYS B 312 -19.02 33.28 0.09
C CYS B 312 -17.62 33.17 -0.48
N GLU C 1 20.80 2.09 11.18
CA GLU C 1 20.43 3.50 11.25
C GLU C 1 19.68 3.94 9.99
N PRO C 2 18.77 4.91 10.12
CA PRO C 2 18.08 5.39 8.91
C PRO C 2 19.02 6.25 8.08
N PRO C 3 18.77 6.35 6.76
CA PRO C 3 19.56 7.23 5.89
C PRO C 3 19.53 8.69 6.37
N LEU C 4 20.61 9.42 6.16
CA LEU C 4 20.69 10.80 6.63
C LEU C 4 19.68 11.69 5.93
N ASN C 5 19.42 11.40 4.66
CA ASN C 5 18.50 12.19 3.86
C ASN C 5 17.46 11.26 3.26
N PRO C 6 16.43 10.92 4.04
CA PRO C 6 15.38 10.03 3.52
C PRO C 6 14.81 10.62 2.25
N HIS C 7 14.76 9.82 1.19
CA HIS C 7 14.27 10.34 -0.07
C HIS C 7 12.79 10.71 0.08
N GLY C 8 12.41 11.88 -0.42
CA GLY C 8 11.05 12.37 -0.30
C GLY C 8 10.45 12.50 -1.68
N SER C 9 10.08 13.70 -2.08
CA SER C 9 9.61 13.89 -3.46
C SER C 9 10.07 15.25 -3.93
N ALA C 10 10.20 15.38 -5.24
CA ALA C 10 10.80 16.55 -5.83
C ALA C 10 10.04 17.82 -5.44
N ARG C 11 8.71 17.74 -5.36
CA ARG C 11 7.96 18.95 -5.03
C ARG C 11 8.25 19.52 -3.65
N ALA C 12 8.70 18.66 -2.75
CA ALA C 12 8.96 19.05 -1.38
C ALA C 12 10.40 19.52 -1.17
N GLU C 13 11.20 19.48 -2.25
CA GLU C 13 12.59 19.91 -2.19
C GLU C 13 12.77 21.20 -2.98
N VAL C 14 13.85 21.93 -2.73
CA VAL C 14 14.14 23.12 -3.57
C VAL C 14 15.02 22.78 -4.77
N HIS C 15 14.48 22.99 -5.99
CA HIS C 15 15.28 22.81 -7.20
C HIS C 15 16.05 24.09 -7.51
N LEU C 16 17.36 24.01 -7.68
CA LEU C 16 18.15 25.20 -8.00
C LEU C 16 17.89 25.68 -9.42
N GLU D 1 23.19 4.99 -0.48
CA GLU D 1 23.33 3.53 -0.61
C GLU D 1 22.26 2.81 0.21
N PRO D 2 21.82 1.63 -0.26
CA PRO D 2 20.86 0.87 0.54
C PRO D 2 21.55 0.26 1.78
N PRO D 3 20.78 0.00 2.85
CA PRO D 3 21.30 -0.67 4.03
C PRO D 3 21.93 -2.02 3.69
N LEU D 4 22.99 -2.42 4.40
CA LEU D 4 23.66 -3.68 4.14
C LEU D 4 22.75 -4.88 4.37
N ASN D 5 21.88 -4.76 5.36
CA ASN D 5 20.97 -5.84 5.72
C ASN D 5 19.56 -5.31 5.73
N PRO D 6 18.93 -5.23 4.55
CA PRO D 6 17.54 -4.74 4.46
C PRO D 6 16.68 -5.56 5.40
N HIS D 7 15.91 -4.90 6.25
CA HIS D 7 15.09 -5.63 7.19
C HIS D 7 14.02 -6.39 6.42
N GLY D 8 13.84 -7.67 6.78
CA GLY D 8 12.86 -8.52 6.09
C GLY D 8 11.80 -8.92 7.08
N SER D 9 11.66 -10.21 7.36
CA SER D 9 10.70 -10.63 8.38
C SER D 9 11.27 -11.82 9.10
N ALA D 10 10.85 -12.00 10.34
CA ALA D 10 11.44 -12.99 11.22
C ALA D 10 11.35 -14.39 10.62
N ARG D 11 10.24 -14.69 9.95
CA ARG D 11 10.11 -16.05 9.41
C ARG D 11 11.14 -16.41 8.36
N ALA D 12 11.66 -15.39 7.68
CA ALA D 12 12.61 -15.58 6.60
C ALA D 12 14.05 -15.59 7.10
N GLU D 13 14.23 -15.40 8.41
CA GLU D 13 15.56 -15.39 9.03
C GLU D 13 15.74 -16.62 9.92
N VAL D 14 16.99 -16.98 10.22
CA VAL D 14 17.22 -18.07 11.17
C VAL D 14 17.31 -17.59 12.63
N HIS D 15 16.38 -18.02 13.47
CA HIS D 15 16.45 -17.71 14.90
C HIS D 15 17.33 -18.75 15.61
N LEU D 16 18.35 -18.28 16.33
CA LEU D 16 19.22 -19.19 17.07
C LEU D 16 18.51 -19.83 18.25
#